data_7Q2G
#
_entry.id   7Q2G
#
_cell.length_a   57.060
_cell.length_b   57.060
_cell.length_c   205.930
_cell.angle_alpha   90.00
_cell.angle_beta   90.00
_cell.angle_gamma   120.00
#
_symmetry.space_group_name_H-M   'P 31 2 1'
#
loop_
_entity.id
_entity.type
_entity.pdbx_description
1 polymer 'Hydroxymycolate synthase MmaA4'
2 non-polymer 'DIMETHYL SULFOXIDE'
3 non-polymer 8-oxidanylquinoline-2-carbaldehyde
4 non-polymer 'CHLORIDE ION'
5 water water
#
_entity_poly.entity_id   1
_entity_poly.type   'polypeptide(L)'
_entity_poly.pdbx_seq_one_letter_code
;MGSSHYHHHHSSGLVPRGSHMAEKPISPTKTRTRFEDIQAHYDVSDDFFALFQDPTRTYSCAYFEPPELTLEEAQYAKVD
LNLDKLDLKPGMTLLDIGCGWGTTMRRAVERFDVNVIGLTLSKNQHARCEQVLASIDTNRSRQVLLQGWEDFAEPVDRIV
SIEAFEHFGHENYDDFFKRCFNIMPADGRMTVQSSVSYHPYEMAARGKKLSFETARFIKFIVTEIFPGGRLPSTEMMVEH
GEKAGFTVPEPLSLRPHYIKTLRIWGDTLQSNKDKAIEVTSEEVYNRYMKYLRGCEHYFTDEMLDCSLVTYLKPGAAA
;
_entity_poly.pdbx_strand_id   A
#
loop_
_chem_comp.id
_chem_comp.type
_chem_comp.name
_chem_comp.formula
8MJ non-polymer 8-oxidanylquinoline-2-carbaldehyde 'C10 H7 N O2'
CL non-polymer 'CHLORIDE ION' 'Cl -1'
DMS non-polymer 'DIMETHYL SULFOXIDE' 'C2 H6 O S'
#
# COMPACT_ATOMS: atom_id res chain seq x y z
N ILE A 38 -19.22 -15.18 -2.98
CA ILE A 38 -19.06 -14.76 -4.41
C ILE A 38 -17.65 -14.19 -4.59
N GLN A 39 -17.25 -13.25 -3.73
CA GLN A 39 -15.89 -12.67 -3.79
C GLN A 39 -14.87 -13.76 -3.42
N ALA A 40 -15.27 -14.69 -2.54
CA ALA A 40 -14.37 -15.79 -2.12
C ALA A 40 -13.83 -16.50 -3.36
N HIS A 41 -14.65 -16.59 -4.41
CA HIS A 41 -14.19 -17.23 -5.68
C HIS A 41 -12.90 -16.56 -6.14
N TYR A 42 -12.65 -15.32 -5.73
CA TYR A 42 -11.47 -14.58 -6.23
C TYR A 42 -10.29 -14.67 -5.24
N ASP A 43 -10.47 -15.38 -4.13
CA ASP A 43 -9.39 -15.66 -3.15
C ASP A 43 -8.31 -16.48 -3.84
N VAL A 44 -7.05 -16.04 -3.78
CA VAL A 44 -5.87 -16.69 -4.43
C VAL A 44 -4.82 -16.99 -3.34
N SER A 45 -4.17 -18.15 -3.42
CA SER A 45 -3.11 -18.60 -2.47
C SER A 45 -1.89 -17.69 -2.58
N ASP A 46 -1.17 -17.51 -1.46
CA ASP A 46 0.08 -16.71 -1.36
C ASP A 46 1.14 -17.27 -2.34
N ASP A 47 1.08 -18.59 -2.61
CA ASP A 47 1.99 -19.32 -3.53
C ASP A 47 2.00 -18.66 -4.91
N PHE A 48 0.85 -18.19 -5.40
CA PHE A 48 0.67 -17.58 -6.74
C PHE A 48 1.45 -16.25 -6.81
N PHE A 49 1.19 -15.37 -5.84
CA PHE A 49 1.81 -14.03 -5.73
C PHE A 49 3.35 -14.17 -5.66
N ALA A 50 3.83 -15.23 -5.01
CA ALA A 50 5.27 -15.57 -4.92
C ALA A 50 5.87 -15.72 -6.32
N LEU A 51 5.06 -16.11 -7.31
CA LEU A 51 5.53 -16.42 -8.68
C LEU A 51 5.66 -15.16 -9.56
N PHE A 52 5.27 -13.97 -9.08
CA PHE A 52 5.49 -12.71 -9.86
C PHE A 52 6.13 -11.61 -9.01
N GLN A 53 6.02 -11.68 -7.68
CA GLN A 53 6.61 -10.65 -6.76
C GLN A 53 8.09 -10.97 -6.54
N ASP A 54 8.82 -10.00 -5.99
CA ASP A 54 10.24 -10.11 -5.58
C ASP A 54 10.34 -11.03 -4.36
N PRO A 55 11.54 -11.44 -3.92
CA PRO A 55 11.68 -12.33 -2.77
C PRO A 55 11.05 -11.87 -1.45
N THR A 56 10.91 -10.55 -1.23
CA THR A 56 10.23 -9.95 -0.04
C THR A 56 8.71 -10.13 -0.15
N ARG A 57 8.20 -10.44 -1.35
CA ARG A 57 6.76 -10.63 -1.63
C ARG A 57 5.99 -9.33 -1.33
N THR A 58 6.61 -8.18 -1.61
CA THR A 58 5.97 -6.85 -1.47
C THR A 58 4.95 -6.67 -2.60
N TYR A 59 3.68 -6.43 -2.24
CA TYR A 59 2.52 -6.29 -3.16
C TYR A 59 2.13 -4.81 -3.21
N SER A 60 3.08 -3.95 -3.60
CA SER A 60 2.90 -2.48 -3.72
C SER A 60 4.01 -1.89 -4.61
N CYS A 61 3.80 -0.65 -5.04
CA CYS A 61 4.73 0.14 -5.90
C CYS A 61 6.15 0.11 -5.31
N ALA A 62 7.13 -0.33 -6.09
CA ALA A 62 8.57 -0.19 -5.79
C ALA A 62 8.99 1.25 -6.10
N TYR A 63 10.16 1.66 -5.61
CA TYR A 63 10.77 3.00 -5.81
C TYR A 63 12.16 2.83 -6.42
N PHE A 64 12.27 3.04 -7.74
CA PHE A 64 13.52 2.85 -8.54
C PHE A 64 14.35 4.14 -8.50
N GLU A 65 14.91 4.45 -7.32
CA GLU A 65 15.92 5.52 -7.12
C GLU A 65 17.14 4.94 -6.43
N PRO A 66 18.30 4.75 -7.12
CA PRO A 66 18.47 5.17 -8.50
C PRO A 66 17.71 4.30 -9.50
N PRO A 67 17.56 4.75 -10.77
CA PRO A 67 16.76 4.03 -11.76
C PRO A 67 17.02 2.52 -11.91
N GLU A 68 18.28 2.09 -11.74
CA GLU A 68 18.76 0.72 -12.10
C GLU A 68 18.80 -0.18 -10.86
N LEU A 69 17.98 0.08 -9.84
CA LEU A 69 17.77 -0.86 -8.70
C LEU A 69 17.01 -2.08 -9.23
N THR A 70 17.28 -3.27 -8.67
CA THR A 70 16.45 -4.48 -8.89
C THR A 70 15.12 -4.29 -8.15
N LEU A 71 14.08 -5.03 -8.54
CA LEU A 71 12.74 -4.94 -7.90
C LEU A 71 12.90 -5.07 -6.38
N GLU A 72 13.69 -6.03 -5.90
CA GLU A 72 13.89 -6.30 -4.45
C GLU A 72 14.45 -5.04 -3.79
N GLU A 73 15.55 -4.49 -4.31
CA GLU A 73 16.24 -3.29 -3.78
C GLU A 73 15.29 -2.08 -3.79
N ALA A 74 14.48 -1.96 -4.85
CA ALA A 74 13.52 -0.85 -5.06
C ALA A 74 12.36 -0.95 -4.06
N GLN A 75 12.01 -2.16 -3.60
CA GLN A 75 10.94 -2.36 -2.61
C GLN A 75 11.44 -1.86 -1.26
N TYR A 76 12.72 -2.12 -0.94
CA TYR A 76 13.41 -1.58 0.25
C TYR A 76 13.47 -0.06 0.14
N ALA A 77 13.86 0.47 -1.03
CA ALA A 77 13.93 1.94 -1.28
C ALA A 77 12.56 2.58 -1.07
N LYS A 78 11.46 1.92 -1.46
CA LYS A 78 10.08 2.43 -1.24
C LYS A 78 9.79 2.48 0.26
N VAL A 79 10.14 1.43 1.02
CA VAL A 79 9.95 1.40 2.50
C VAL A 79 10.70 2.59 3.12
N ASP A 80 11.93 2.85 2.68
CA ASP A 80 12.78 3.96 3.20
C ASP A 80 12.14 5.31 2.83
N LEU A 81 11.67 5.47 1.60
CA LEU A 81 10.95 6.68 1.13
C LEU A 81 9.86 7.03 2.16
N ASN A 82 9.04 6.04 2.54
CA ASN A 82 7.91 6.22 3.49
C ASN A 82 8.44 6.59 4.89
N LEU A 83 9.35 5.76 5.44
CA LEU A 83 9.82 5.90 6.85
C LEU A 83 10.60 7.21 7.03
N ASP A 84 11.33 7.65 6.00
CA ASP A 84 12.20 8.85 6.05
C ASP A 84 11.35 10.13 6.19
N LYS A 85 10.06 10.07 5.90
CA LYS A 85 9.14 11.24 6.01
C LYS A 85 8.50 11.33 7.40
N LEU A 86 8.69 10.34 8.29
CA LEU A 86 7.90 10.20 9.54
C LEU A 86 8.62 10.78 10.77
N ASP A 87 9.83 11.34 10.62
CA ASP A 87 10.57 11.96 11.76
C ASP A 87 10.59 10.97 12.94
N LEU A 88 11.06 9.75 12.69
CA LEU A 88 11.13 8.66 13.68
C LEU A 88 12.39 8.86 14.54
N LYS A 89 12.24 8.77 15.86
CA LYS A 89 13.35 8.90 16.84
C LYS A 89 13.37 7.64 17.70
N PRO A 90 14.56 7.22 18.19
CA PRO A 90 14.65 6.01 19.01
C PRO A 90 13.60 6.04 20.13
N GLY A 91 12.93 4.90 20.36
CA GLY A 91 12.00 4.70 21.49
C GLY A 91 10.57 5.09 21.14
N MET A 92 10.35 5.74 19.99
CA MET A 92 8.97 6.00 19.49
C MET A 92 8.31 4.67 19.15
N THR A 93 6.98 4.66 19.02
CA THR A 93 6.21 3.51 18.50
C THR A 93 5.67 3.88 17.12
N LEU A 94 5.97 3.05 16.12
CA LEU A 94 5.42 3.13 14.75
C LEU A 94 4.28 2.12 14.62
N LEU A 95 3.12 2.59 14.19
CA LEU A 95 1.97 1.73 13.80
C LEU A 95 2.02 1.53 12.28
N ASP A 96 1.99 0.28 11.82
CA ASP A 96 1.93 -0.07 10.38
C ASP A 96 0.55 -0.67 10.09
N ILE A 97 -0.31 0.08 9.40
CA ILE A 97 -1.71 -0.35 9.08
C ILE A 97 -1.68 -1.11 7.74
N GLY A 98 -1.92 -2.42 7.78
CA GLY A 98 -1.68 -3.36 6.66
C GLY A 98 -0.20 -3.71 6.60
N CYS A 99 0.32 -4.40 7.61
CA CYS A 99 1.79 -4.57 7.84
C CYS A 99 2.38 -5.63 6.89
N GLY A 100 1.53 -6.27 6.08
CA GLY A 100 1.95 -7.23 5.04
C GLY A 100 2.76 -8.36 5.64
N TRP A 101 3.95 -8.61 5.10
CA TRP A 101 4.86 -9.72 5.51
C TRP A 101 5.91 -9.23 6.52
N GLY A 102 5.79 -7.98 6.98
CA GLY A 102 6.55 -7.42 8.12
C GLY A 102 7.78 -6.64 7.70
N THR A 103 7.97 -6.38 6.40
CA THR A 103 9.23 -5.82 5.87
C THR A 103 9.41 -4.38 6.35
N THR A 104 8.37 -3.57 6.30
CA THR A 104 8.37 -2.16 6.75
C THR A 104 8.73 -2.10 8.24
N MET A 105 8.06 -2.91 9.04
CA MET A 105 8.22 -2.90 10.52
C MET A 105 9.66 -3.27 10.88
N ARG A 106 10.19 -4.33 10.26
CA ARG A 106 11.57 -4.83 10.52
C ARG A 106 12.57 -3.72 10.16
N ARG A 107 12.42 -3.11 8.98
CA ARG A 107 13.32 -2.01 8.53
C ARG A 107 13.26 -0.84 9.52
N ALA A 108 12.05 -0.49 9.98
CA ALA A 108 11.82 0.60 10.96
C ALA A 108 12.60 0.30 12.25
N VAL A 109 12.47 -0.90 12.80
CA VAL A 109 13.18 -1.29 14.06
C VAL A 109 14.68 -1.12 13.78
N GLU A 110 15.17 -1.72 12.70
CA GLU A 110 16.63 -1.82 12.40
C GLU A 110 17.22 -0.44 12.12
N ARG A 111 16.53 0.42 11.37
CA ARG A 111 17.07 1.74 10.94
C ARG A 111 16.87 2.80 12.03
N PHE A 112 15.75 2.77 12.77
CA PHE A 112 15.29 3.90 13.62
C PHE A 112 15.23 3.51 15.10
N ASP A 113 15.41 2.23 15.43
CA ASP A 113 15.44 1.73 16.84
C ASP A 113 14.12 2.09 17.54
N VAL A 114 13.00 1.76 16.90
CA VAL A 114 11.62 2.11 17.36
C VAL A 114 10.89 0.81 17.74
N ASN A 115 9.90 0.93 18.61
CA ASN A 115 8.84 -0.10 18.83
C ASN A 115 7.93 -0.11 17.61
N VAL A 116 7.33 -1.26 17.28
CA VAL A 116 6.41 -1.40 16.12
C VAL A 116 5.16 -2.14 16.56
N ILE A 117 4.01 -1.71 16.02
CA ILE A 117 2.74 -2.45 16.06
C ILE A 117 2.24 -2.57 14.62
N GLY A 118 1.98 -3.79 14.17
CA GLY A 118 1.41 -4.07 12.83
C GLY A 118 -0.02 -4.53 12.94
N LEU A 119 -0.88 -4.05 12.03
CA LEU A 119 -2.27 -4.52 11.85
C LEU A 119 -2.35 -5.24 10.51
N THR A 120 -2.92 -6.45 10.51
CA THR A 120 -3.24 -7.23 9.29
C THR A 120 -4.51 -8.06 9.54
N LEU A 121 -5.20 -8.42 8.46
CA LEU A 121 -6.43 -9.27 8.48
C LEU A 121 -6.11 -10.67 7.96
N SER A 122 -4.85 -10.94 7.55
CA SER A 122 -4.37 -12.24 7.04
C SER A 122 -3.65 -13.02 8.16
N LYS A 123 -4.17 -14.18 8.53
CA LYS A 123 -3.55 -15.12 9.50
C LYS A 123 -2.11 -15.44 9.07
N ASN A 124 -1.92 -15.79 7.79
CA ASN A 124 -0.59 -16.16 7.22
C ASN A 124 0.39 -15.00 7.43
N GLN A 125 -0.05 -13.77 7.15
CA GLN A 125 0.77 -12.54 7.31
C GLN A 125 1.09 -12.33 8.80
N HIS A 126 0.09 -12.53 9.67
CA HIS A 126 0.23 -12.46 11.15
C HIS A 126 1.37 -13.39 11.58
N ALA A 127 1.29 -14.66 11.17
CA ALA A 127 2.26 -15.74 11.52
C ALA A 127 3.66 -15.34 11.06
N ARG A 128 3.80 -14.98 9.78
CA ARG A 128 5.09 -14.55 9.19
C ARG A 128 5.65 -13.39 10.02
N CYS A 129 4.83 -12.35 10.25
CA CYS A 129 5.24 -11.09 10.93
C CYS A 129 5.78 -11.38 12.33
N GLU A 130 5.08 -12.20 13.12
CA GLU A 130 5.47 -12.56 14.51
C GLU A 130 6.88 -13.14 14.50
N GLN A 131 7.16 -13.98 13.51
CA GLN A 131 8.46 -14.71 13.37
C GLN A 131 9.54 -13.74 12.85
N VAL A 132 9.21 -12.92 11.85
CA VAL A 132 10.13 -11.86 11.34
C VAL A 132 10.56 -10.99 12.53
N LEU A 133 9.61 -10.54 13.36
CA LEU A 133 9.86 -9.56 14.46
C LEU A 133 10.62 -10.23 15.60
N ALA A 134 10.26 -11.46 15.97
CA ALA A 134 10.98 -12.24 17.00
C ALA A 134 12.43 -12.46 16.56
N SER A 135 12.67 -12.58 15.24
CA SER A 135 14.01 -12.82 14.63
C SER A 135 14.94 -11.63 14.89
N ILE A 136 14.40 -10.42 15.05
CA ILE A 136 15.20 -9.16 15.14
C ILE A 136 15.92 -9.14 16.49
N ASP A 137 17.20 -8.74 16.48
CA ASP A 137 18.03 -8.60 17.70
C ASP A 137 17.84 -7.18 18.23
N THR A 138 16.85 -6.99 19.11
CA THR A 138 16.42 -5.68 19.67
C THR A 138 15.78 -5.90 21.06
N ASN A 139 15.76 -4.85 21.88
CA ASN A 139 14.98 -4.77 23.14
C ASN A 139 13.62 -4.13 22.87
N ARG A 140 13.39 -3.59 21.66
CA ARG A 140 12.16 -2.81 21.34
C ARG A 140 10.94 -3.72 21.28
N SER A 141 9.80 -3.20 21.74
CA SER A 141 8.46 -3.85 21.68
C SER A 141 8.09 -4.09 20.20
N ARG A 142 7.77 -5.33 19.85
CA ARG A 142 7.29 -5.74 18.52
C ARG A 142 6.00 -6.54 18.69
N GLN A 143 4.92 -6.04 18.11
CA GLN A 143 3.56 -6.59 18.26
C GLN A 143 2.91 -6.60 16.87
N VAL A 144 2.27 -7.70 16.49
CA VAL A 144 1.41 -7.74 15.28
C VAL A 144 0.04 -8.24 15.73
N LEU A 145 -1.02 -7.56 15.25
CA LEU A 145 -2.42 -7.80 15.67
C LEU A 145 -3.25 -8.21 14.44
N LEU A 146 -4.01 -9.29 14.56
CA LEU A 146 -4.97 -9.74 13.52
C LEU A 146 -6.25 -8.91 13.70
N GLN A 147 -6.28 -7.70 13.13
CA GLN A 147 -7.46 -6.78 13.23
C GLN A 147 -7.29 -5.58 12.30
N GLY A 148 -8.37 -4.83 12.11
CA GLY A 148 -8.40 -3.56 11.36
C GLY A 148 -8.13 -2.38 12.27
N TRP A 149 -7.86 -1.21 11.68
CA TRP A 149 -7.60 0.07 12.38
C TRP A 149 -8.82 0.46 13.24
N GLU A 150 -10.03 0.10 12.82
CA GLU A 150 -11.30 0.37 13.53
C GLU A 150 -11.21 -0.12 14.98
N ASP A 151 -10.53 -1.25 15.21
CA ASP A 151 -10.42 -1.90 16.54
C ASP A 151 -9.15 -1.44 17.27
N PHE A 152 -8.40 -0.48 16.71
CA PHE A 152 -7.10 -0.03 17.28
C PHE A 152 -7.22 1.37 17.86
N ALA A 153 -6.89 1.52 19.15
CA ALA A 153 -7.06 2.76 19.93
C ALA A 153 -5.95 2.89 20.98
N GLU A 154 -4.72 2.50 20.63
CA GLU A 154 -3.53 2.65 21.52
C GLU A 154 -2.74 3.86 21.04
N PRO A 155 -2.22 4.70 21.97
CA PRO A 155 -1.31 5.77 21.62
C PRO A 155 -0.12 5.25 20.80
N VAL A 156 0.16 5.88 19.66
CA VAL A 156 1.40 5.64 18.85
C VAL A 156 1.94 7.01 18.42
N ASP A 157 3.22 7.05 18.04
CA ASP A 157 3.95 8.29 17.69
C ASP A 157 3.78 8.61 16.21
N ARG A 158 3.86 7.59 15.36
CA ARG A 158 3.87 7.73 13.88
C ARG A 158 3.07 6.57 13.27
N ILE A 159 2.47 6.81 12.10
CA ILE A 159 1.69 5.78 11.38
C ILE A 159 2.22 5.69 9.95
N VAL A 160 2.37 4.47 9.44
CA VAL A 160 2.64 4.19 8.00
C VAL A 160 1.56 3.21 7.50
N SER A 161 1.03 3.44 6.31
CA SER A 161 0.06 2.55 5.64
C SER A 161 0.34 2.51 4.13
N ILE A 162 0.84 1.37 3.65
CA ILE A 162 1.30 1.18 2.23
C ILE A 162 0.29 0.29 1.51
N GLU A 163 -0.57 0.90 0.68
CA GLU A 163 -1.51 0.23 -0.25
C GLU A 163 -2.36 -0.79 0.54
N ALA A 164 -2.93 -0.35 1.68
CA ALA A 164 -4.04 -0.99 2.42
C ALA A 164 -5.33 -0.16 2.31
N PHE A 165 -5.19 1.15 2.06
CA PHE A 165 -6.25 2.22 2.15
C PHE A 165 -7.34 2.04 1.08
N GLU A 166 -6.99 1.47 -0.07
CA GLU A 166 -7.94 1.18 -1.18
C GLU A 166 -8.90 0.05 -0.77
N HIS A 167 -8.62 -0.66 0.33
CA HIS A 167 -9.41 -1.80 0.87
C HIS A 167 -10.15 -1.37 2.15
N PHE A 168 -10.57 -0.10 2.25
CA PHE A 168 -11.32 0.46 3.41
C PHE A 168 -12.79 0.66 3.02
N GLY A 169 -13.07 1.69 2.20
CA GLY A 169 -14.43 2.12 1.81
C GLY A 169 -14.59 3.63 1.94
N HIS A 170 -15.25 4.25 0.96
CA HIS A 170 -15.48 5.72 0.84
C HIS A 170 -16.01 6.30 2.17
N GLU A 171 -17.07 5.71 2.71
CA GLU A 171 -17.82 6.17 3.92
C GLU A 171 -16.95 6.04 5.19
N ASN A 172 -15.83 5.32 5.13
CA ASN A 172 -14.94 5.05 6.30
C ASN A 172 -13.87 6.14 6.45
N TYR A 173 -13.66 7.00 5.45
CA TYR A 173 -12.43 7.85 5.35
C TYR A 173 -12.40 8.86 6.50
N ASP A 174 -13.54 9.48 6.85
CA ASP A 174 -13.61 10.47 7.97
C ASP A 174 -13.16 9.79 9.27
N ASP A 175 -13.66 8.58 9.56
CA ASP A 175 -13.35 7.84 10.81
C ASP A 175 -11.86 7.48 10.83
N PHE A 176 -11.29 7.10 9.69
CA PHE A 176 -9.87 6.66 9.57
C PHE A 176 -8.95 7.81 9.97
N PHE A 177 -9.13 8.99 9.37
CA PHE A 177 -8.25 10.17 9.62
C PHE A 177 -8.47 10.69 11.04
N LYS A 178 -9.71 10.64 11.56
CA LYS A 178 -9.99 11.06 12.96
C LYS A 178 -9.20 10.15 13.91
N ARG A 179 -9.35 8.83 13.73
CA ARG A 179 -8.63 7.81 14.54
C ARG A 179 -7.13 8.11 14.50
N CYS A 180 -6.55 8.23 13.31
CA CYS A 180 -5.08 8.44 13.13
C CYS A 180 -4.66 9.72 13.86
N PHE A 181 -5.44 10.79 13.72
CA PHE A 181 -5.14 12.10 14.32
C PHE A 181 -5.12 11.94 15.85
N ASN A 182 -6.13 11.25 16.39
CA ASN A 182 -6.40 11.21 17.85
C ASN A 182 -5.41 10.29 18.57
N ILE A 183 -4.87 9.25 17.91
CA ILE A 183 -3.99 8.24 18.58
C ILE A 183 -2.54 8.73 18.57
N MET A 184 -2.24 9.80 17.83
CA MET A 184 -0.86 10.33 17.71
C MET A 184 -0.67 11.54 18.60
N PRO A 185 0.58 11.81 19.04
CA PRO A 185 0.88 12.96 19.89
C PRO A 185 0.82 14.25 19.05
N ALA A 186 1.22 15.38 19.65
CA ALA A 186 1.20 16.73 19.06
C ALA A 186 2.08 16.78 17.80
N ASP A 187 3.20 16.05 17.77
CA ASP A 187 4.19 16.09 16.64
C ASP A 187 3.96 14.89 15.70
N GLY A 188 2.77 14.28 15.73
CA GLY A 188 2.42 13.08 14.95
C GLY A 188 2.60 13.31 13.45
N ARG A 189 2.99 12.26 12.73
CA ARG A 189 3.01 12.24 11.24
C ARG A 189 2.53 10.86 10.77
N MET A 190 1.89 10.84 9.60
CA MET A 190 1.43 9.61 8.91
C MET A 190 1.81 9.71 7.43
N THR A 191 2.23 8.60 6.83
CA THR A 191 2.26 8.44 5.35
C THR A 191 1.20 7.41 4.98
N VAL A 192 0.45 7.70 3.92
CA VAL A 192 -0.45 6.73 3.25
C VAL A 192 -0.02 6.67 1.78
N GLN A 193 0.39 5.48 1.32
CA GLN A 193 0.64 5.20 -0.11
C GLN A 193 -0.58 4.44 -0.65
N SER A 194 -1.21 4.94 -1.71
CA SER A 194 -2.42 4.32 -2.30
C SER A 194 -2.41 4.53 -3.81
N SER A 195 -2.77 3.49 -4.56
CA SER A 195 -3.25 3.61 -5.95
C SER A 195 -4.47 4.53 -5.93
N VAL A 196 -4.64 5.30 -7.00
CA VAL A 196 -5.61 6.42 -7.05
C VAL A 196 -6.24 6.46 -8.44
N SER A 197 -7.53 6.79 -8.50
CA SER A 197 -8.28 7.10 -9.73
C SER A 197 -8.50 8.61 -9.77
N TYR A 198 -8.98 9.13 -10.88
CA TYR A 198 -9.48 10.54 -10.98
C TYR A 198 -10.99 10.50 -10.88
N HIS A 199 -11.60 11.55 -10.31
CA HIS A 199 -13.06 11.78 -10.28
C HIS A 199 -13.58 11.67 -11.72
N PRO A 200 -14.76 11.05 -11.96
CA PRO A 200 -15.33 10.98 -13.31
C PRO A 200 -15.16 12.25 -14.14
N TYR A 201 -15.32 13.43 -13.53
CA TYR A 201 -15.30 14.77 -14.18
C TYR A 201 -13.91 15.05 -14.78
N GLU A 202 -12.83 14.77 -14.04
CA GLU A 202 -11.42 14.94 -14.49
C GLU A 202 -11.10 13.97 -15.63
N MET A 203 -11.61 12.73 -15.55
CA MET A 203 -11.37 11.65 -16.56
C MET A 203 -12.02 12.03 -17.89
N ALA A 204 -13.25 12.57 -17.84
CA ALA A 204 -14.00 13.11 -18.99
C ALA A 204 -13.17 14.16 -19.75
N ALA A 205 -12.31 14.90 -19.02
CA ALA A 205 -11.39 15.92 -19.60
C ALA A 205 -10.45 15.28 -20.63
N ARG A 206 -10.09 13.99 -20.45
CA ARG A 206 -9.24 13.22 -21.41
C ARG A 206 -10.08 12.53 -22.50
N GLY A 207 -11.38 12.92 -22.62
CA GLY A 207 -12.30 12.38 -23.65
C GLY A 207 -13.12 11.23 -23.09
N LYS A 208 -14.38 11.11 -23.54
CA LYS A 208 -15.35 10.12 -22.99
C LYS A 208 -14.84 8.70 -23.29
N LYS A 209 -14.30 8.44 -24.48
CA LYS A 209 -13.89 7.05 -24.83
C LYS A 209 -13.00 6.47 -23.73
N LEU A 210 -11.84 7.11 -23.47
CA LEU A 210 -10.88 6.57 -22.46
C LEU A 210 -11.53 6.54 -21.08
N SER A 211 -12.39 7.51 -20.78
CA SER A 211 -13.02 7.58 -19.44
C SER A 211 -13.86 6.33 -19.17
N PHE A 212 -14.81 6.02 -20.05
CA PHE A 212 -15.72 4.84 -19.83
C PHE A 212 -14.91 3.52 -19.77
N GLU A 213 -13.85 3.50 -20.61
CA GLU A 213 -12.92 2.36 -20.78
C GLU A 213 -12.16 2.16 -19.46
N THR A 214 -11.62 3.26 -18.89
CA THR A 214 -10.87 3.22 -17.59
C THR A 214 -11.85 2.89 -16.44
N ALA A 215 -13.10 3.49 -16.46
CA ALA A 215 -14.13 3.22 -15.42
C ALA A 215 -14.38 1.71 -15.33
N ARG A 216 -14.46 1.04 -16.48
CA ARG A 216 -14.76 -0.42 -16.52
C ARG A 216 -13.57 -1.23 -16.02
N PHE A 217 -12.35 -0.78 -16.34
CA PHE A 217 -11.13 -1.50 -15.87
C PHE A 217 -11.03 -1.39 -14.35
N ILE A 218 -11.36 -0.23 -13.79
CA ILE A 218 -11.38 0.01 -12.31
C ILE A 218 -12.39 -0.96 -11.70
N LYS A 219 -13.57 -1.07 -12.32
CA LYS A 219 -14.64 -2.01 -11.91
C LYS A 219 -14.07 -3.43 -11.82
N PHE A 220 -13.27 -3.84 -12.82
CA PHE A 220 -12.65 -5.19 -12.91
C PHE A 220 -11.71 -5.41 -11.73
N ILE A 221 -10.82 -4.45 -11.46
CA ILE A 221 -9.85 -4.47 -10.32
C ILE A 221 -10.63 -4.66 -9.01
N VAL A 222 -11.72 -3.91 -8.84
CA VAL A 222 -12.51 -3.79 -7.59
C VAL A 222 -13.43 -5.01 -7.43
N THR A 223 -13.56 -5.83 -8.47
CA THR A 223 -14.45 -7.03 -8.47
C THR A 223 -13.63 -8.32 -8.31
N GLU A 224 -12.51 -8.43 -9.05
CA GLU A 224 -11.81 -9.72 -9.31
C GLU A 224 -10.36 -9.72 -8.76
N ILE A 225 -9.76 -8.55 -8.52
CA ILE A 225 -8.34 -8.44 -8.04
C ILE A 225 -8.34 -8.08 -6.55
N PHE A 226 -9.12 -7.07 -6.17
CA PHE A 226 -9.33 -6.61 -4.77
C PHE A 226 -10.83 -6.51 -4.52
N PRO A 227 -11.55 -7.64 -4.39
CA PRO A 227 -13.01 -7.63 -4.26
C PRO A 227 -13.48 -6.70 -3.14
N GLY A 228 -14.50 -5.88 -3.41
CA GLY A 228 -15.08 -4.91 -2.45
C GLY A 228 -14.21 -3.68 -2.25
N GLY A 229 -13.05 -3.60 -2.92
CA GLY A 229 -12.16 -2.43 -2.86
C GLY A 229 -12.82 -1.20 -3.47
N ARG A 230 -12.27 -0.01 -3.20
CA ARG A 230 -12.69 1.26 -3.86
C ARG A 230 -11.46 2.15 -3.99
N LEU A 231 -11.06 2.47 -5.23
CA LEU A 231 -9.93 3.39 -5.49
C LEU A 231 -10.36 4.80 -5.08
N PRO A 232 -9.64 5.45 -4.13
CA PRO A 232 -9.89 6.86 -3.85
C PRO A 232 -9.26 7.72 -4.94
N SER A 233 -9.58 9.01 -4.93
CA SER A 233 -8.83 10.05 -5.66
C SER A 233 -7.78 10.62 -4.71
N THR A 234 -6.71 11.22 -5.25
CA THR A 234 -5.69 11.95 -4.45
C THR A 234 -6.41 13.04 -3.68
N GLU A 235 -7.32 13.76 -4.35
CA GLU A 235 -8.10 14.89 -3.78
C GLU A 235 -8.81 14.41 -2.49
N MET A 236 -9.45 13.25 -2.54
CA MET A 236 -10.16 12.63 -1.38
C MET A 236 -9.16 12.38 -0.24
N MET A 237 -8.04 11.72 -0.56
CA MET A 237 -6.96 11.41 0.42
C MET A 237 -6.50 12.70 1.12
N VAL A 238 -6.36 13.80 0.36
CA VAL A 238 -5.85 15.10 0.89
C VAL A 238 -6.94 15.74 1.76
N GLU A 239 -8.17 15.82 1.26
CA GLU A 239 -9.26 16.64 1.87
C GLU A 239 -9.78 15.97 3.14
N HIS A 240 -9.89 14.65 3.17
CA HIS A 240 -10.26 13.88 4.40
C HIS A 240 -9.17 14.08 5.47
N GLY A 241 -7.90 14.11 5.07
CA GLY A 241 -6.78 14.45 5.97
C GLY A 241 -6.93 15.84 6.56
N GLU A 242 -7.22 16.84 5.73
CA GLU A 242 -7.41 18.25 6.16
C GLU A 242 -8.60 18.34 7.13
N LYS A 243 -9.74 17.71 6.80
CA LYS A 243 -10.96 17.78 7.63
C LYS A 243 -10.62 17.30 9.05
N ALA A 244 -9.79 16.27 9.18
CA ALA A 244 -9.37 15.66 10.46
C ALA A 244 -8.39 16.58 11.22
N GLY A 245 -7.81 17.58 10.54
CA GLY A 245 -6.94 18.63 11.14
C GLY A 245 -5.49 18.53 10.70
N PHE A 246 -5.15 17.58 9.82
CA PHE A 246 -3.77 17.38 9.33
C PHE A 246 -3.40 18.49 8.33
N THR A 247 -2.13 18.90 8.41
CA THR A 247 -1.38 19.62 7.35
C THR A 247 -0.97 18.59 6.28
N VAL A 248 -1.29 18.85 5.02
CA VAL A 248 -0.99 17.91 3.89
C VAL A 248 -0.18 18.65 2.84
N PRO A 249 1.15 18.42 2.77
CA PRO A 249 1.97 18.96 1.69
C PRO A 249 1.59 18.30 0.36
N GLU A 250 2.21 18.76 -0.73
CA GLU A 250 1.96 18.24 -2.10
C GLU A 250 2.24 16.75 -2.11
N PRO A 251 1.24 15.88 -2.40
CA PRO A 251 1.47 14.44 -2.51
C PRO A 251 2.55 14.08 -3.54
N LEU A 252 3.34 13.04 -3.27
CA LEU A 252 4.34 12.50 -4.23
C LEU A 252 3.63 11.53 -5.17
N SER A 253 3.79 11.71 -6.48
CA SER A 253 3.31 10.74 -7.50
C SER A 253 4.38 9.66 -7.68
N LEU A 254 3.98 8.39 -7.62
CA LEU A 254 4.88 7.22 -7.88
C LEU A 254 4.52 6.57 -9.23
N ARG A 255 3.74 7.25 -10.07
CA ARG A 255 3.24 6.70 -11.36
C ARG A 255 4.39 6.02 -12.11
N PRO A 256 5.51 6.71 -12.44
CA PRO A 256 6.58 6.11 -13.24
C PRO A 256 7.18 4.84 -12.61
N HIS A 257 7.22 4.79 -11.28
CA HIS A 257 7.78 3.64 -10.50
C HIS A 257 6.80 2.45 -10.55
N TYR A 258 5.48 2.71 -10.59
CA TYR A 258 4.47 1.62 -10.66
C TYR A 258 4.49 1.00 -12.05
N ILE A 259 4.66 1.82 -13.10
CA ILE A 259 4.82 1.34 -14.50
C ILE A 259 5.95 0.31 -14.53
N LYS A 260 7.14 0.65 -14.01
CA LYS A 260 8.33 -0.25 -13.96
C LYS A 260 7.99 -1.48 -13.12
N THR A 261 7.30 -1.29 -11.99
CA THR A 261 6.92 -2.40 -11.06
C THR A 261 6.00 -3.36 -11.81
N LEU A 262 4.93 -2.86 -12.43
CA LEU A 262 3.89 -3.68 -13.08
C LEU A 262 4.49 -4.42 -14.30
N ARG A 263 5.50 -3.82 -14.94
CA ARG A 263 6.21 -4.37 -16.12
C ARG A 263 6.98 -5.64 -15.70
N ILE A 264 7.74 -5.53 -14.59
CA ILE A 264 8.57 -6.64 -14.03
C ILE A 264 7.65 -7.74 -13.52
N TRP A 265 6.58 -7.37 -12.77
CA TRP A 265 5.54 -8.33 -12.28
C TRP A 265 4.96 -9.11 -13.47
N GLY A 266 4.51 -8.40 -14.51
CA GLY A 266 3.94 -8.98 -15.74
C GLY A 266 4.92 -9.94 -16.41
N ASP A 267 6.14 -9.47 -16.70
CA ASP A 267 7.22 -10.26 -17.34
C ASP A 267 7.51 -11.50 -16.48
N THR A 268 7.57 -11.33 -15.15
CA THR A 268 7.88 -12.41 -14.18
C THR A 268 6.74 -13.44 -14.18
N LEU A 269 5.50 -12.99 -14.05
CA LEU A 269 4.31 -13.90 -14.08
C LEU A 269 4.31 -14.66 -15.41
N GLN A 270 4.55 -13.95 -16.51
CA GLN A 270 4.52 -14.51 -17.90
C GLN A 270 5.55 -15.65 -18.01
N SER A 271 6.75 -15.45 -17.48
CA SER A 271 7.87 -16.44 -17.52
C SER A 271 7.53 -17.66 -16.63
N ASN A 272 6.64 -17.51 -15.64
CA ASN A 272 6.24 -18.59 -14.69
C ASN A 272 4.81 -19.08 -14.95
N LYS A 273 4.36 -18.99 -16.28
CA LYS A 273 2.94 -19.23 -16.64
C LYS A 273 2.55 -20.68 -16.24
N ASP A 274 3.30 -21.65 -16.77
CA ASP A 274 3.06 -23.10 -16.58
C ASP A 274 2.98 -23.40 -15.08
N LYS A 275 3.99 -22.93 -14.33
CA LYS A 275 4.09 -23.08 -12.85
C LYS A 275 2.86 -22.46 -12.18
N ALA A 276 2.48 -21.26 -12.62
CA ALA A 276 1.37 -20.45 -12.06
C ALA A 276 0.03 -21.17 -12.29
N ILE A 277 -0.19 -21.65 -13.52
CA ILE A 277 -1.44 -22.35 -13.94
C ILE A 277 -1.66 -23.55 -13.03
N GLU A 278 -0.62 -24.37 -12.81
CA GLU A 278 -0.74 -25.66 -12.08
C GLU A 278 -0.94 -25.40 -10.59
N VAL A 279 -0.58 -24.20 -10.11
CA VAL A 279 -0.76 -23.78 -8.68
C VAL A 279 -2.19 -23.24 -8.48
N THR A 280 -2.85 -22.74 -9.53
CA THR A 280 -4.22 -22.17 -9.47
C THR A 280 -5.08 -22.71 -10.62
N SER A 281 -4.99 -22.07 -11.79
CA SER A 281 -5.80 -22.35 -13.01
C SER A 281 -5.39 -21.38 -14.12
N GLU A 282 -5.76 -21.67 -15.38
CA GLU A 282 -5.53 -20.75 -16.52
C GLU A 282 -6.38 -19.50 -16.31
N GLU A 283 -7.60 -19.68 -15.78
CA GLU A 283 -8.54 -18.59 -15.39
C GLU A 283 -7.80 -17.55 -14.56
N VAL A 284 -7.10 -17.96 -13.49
CA VAL A 284 -6.45 -17.04 -12.50
C VAL A 284 -5.25 -16.35 -13.16
N TYR A 285 -4.40 -17.09 -13.88
CA TYR A 285 -3.22 -16.55 -14.62
C TYR A 285 -3.70 -15.44 -15.57
N ASN A 286 -4.78 -15.73 -16.36
CA ASN A 286 -5.38 -14.80 -17.35
C ASN A 286 -5.85 -13.54 -16.62
N ARG A 287 -6.52 -13.71 -15.48
CA ARG A 287 -7.03 -12.61 -14.64
C ARG A 287 -5.88 -11.67 -14.25
N TYR A 288 -4.78 -12.23 -13.73
CA TYR A 288 -3.66 -11.45 -13.16
C TYR A 288 -2.80 -10.85 -14.29
N MET A 289 -2.60 -11.57 -15.40
CA MET A 289 -1.88 -11.00 -16.56
C MET A 289 -2.62 -9.76 -17.08
N LYS A 290 -3.96 -9.85 -17.18
CA LYS A 290 -4.87 -8.73 -17.55
C LYS A 290 -4.71 -7.58 -16.54
N TYR A 291 -4.74 -7.88 -15.25
CA TYR A 291 -4.55 -6.88 -14.17
C TYR A 291 -3.22 -6.13 -14.39
N LEU A 292 -2.12 -6.89 -14.49
CA LEU A 292 -0.74 -6.36 -14.51
C LEU A 292 -0.48 -5.58 -15.81
N ARG A 293 -0.80 -6.17 -16.96
CA ARG A 293 -0.68 -5.50 -18.28
C ARG A 293 -1.62 -4.30 -18.33
N GLY A 294 -2.84 -4.43 -17.77
CA GLY A 294 -3.87 -3.38 -17.78
C GLY A 294 -3.44 -2.16 -16.99
N CYS A 295 -3.08 -2.33 -15.72
CA CYS A 295 -2.60 -1.23 -14.85
C CYS A 295 -1.41 -0.52 -15.51
N GLU A 296 -0.43 -1.28 -16.01
CA GLU A 296 0.77 -0.74 -16.72
C GLU A 296 0.29 0.23 -17.81
N HIS A 297 -0.71 -0.18 -18.58
CA HIS A 297 -1.27 0.60 -19.72
C HIS A 297 -1.88 1.90 -19.18
N TYR A 298 -2.77 1.81 -18.18
CA TYR A 298 -3.59 2.96 -17.69
C TYR A 298 -2.72 3.91 -16.87
N PHE A 299 -1.69 3.39 -16.18
CA PHE A 299 -0.65 4.22 -15.53
C PHE A 299 0.14 4.99 -16.62
N THR A 300 0.47 4.33 -17.75
CA THR A 300 1.20 4.96 -18.88
C THR A 300 0.36 6.07 -19.50
N ASP A 301 -0.97 5.85 -19.59
CA ASP A 301 -1.95 6.80 -20.22
C ASP A 301 -2.42 7.85 -19.18
N GLU A 302 -1.97 7.73 -17.91
CA GLU A 302 -2.18 8.78 -16.89
C GLU A 302 -3.70 8.94 -16.59
N MET A 303 -4.41 7.75 -16.64
CA MET A 303 -5.83 7.57 -16.20
C MET A 303 -5.86 6.97 -14.79
N LEU A 304 -4.69 6.45 -14.33
CA LEU A 304 -4.45 5.97 -12.94
C LEU A 304 -3.20 6.66 -12.36
N ASP A 305 -3.13 6.80 -11.02
CA ASP A 305 -1.96 7.39 -10.34
C ASP A 305 -1.69 6.59 -9.05
N CYS A 306 -0.52 6.78 -8.46
CA CYS A 306 -0.15 6.24 -7.14
C CYS A 306 0.40 7.37 -6.30
N SER A 307 -0.25 7.64 -5.16
CA SER A 307 0.02 8.84 -4.33
C SER A 307 0.61 8.39 -3.00
N LEU A 308 1.75 9.00 -2.62
CA LEU A 308 2.33 8.93 -1.27
C LEU A 308 2.04 10.27 -0.60
N VAL A 309 1.02 10.28 0.26
CA VAL A 309 0.49 11.49 0.94
C VAL A 309 1.04 11.51 2.36
N THR A 310 1.63 12.64 2.75
CA THR A 310 2.12 12.90 4.12
C THR A 310 1.08 13.75 4.86
N TYR A 311 0.78 13.34 6.09
CA TYR A 311 -0.19 13.98 7.01
C TYR A 311 0.58 14.42 8.25
N LEU A 312 0.70 15.73 8.46
CA LEU A 312 1.45 16.34 9.58
C LEU A 312 0.44 16.92 10.57
N LYS A 313 0.53 16.51 11.84
CA LYS A 313 -0.29 17.12 12.92
C LYS A 313 0.22 18.55 13.12
N PRO A 314 -0.60 19.45 13.70
CA PRO A 314 -0.23 20.85 13.87
C PRO A 314 1.14 21.08 14.54
N GLY A 315 1.50 20.22 15.49
CA GLY A 315 2.76 20.34 16.28
C GLY A 315 3.91 19.55 15.68
N ALA A 316 3.78 19.04 14.45
CA ALA A 316 4.83 18.27 13.74
C ALA A 316 6.09 19.14 13.60
N ALA A 317 7.28 18.56 13.74
CA ALA A 317 8.59 19.25 13.63
C ALA A 317 8.67 19.96 12.27
N ALA A 318 9.46 21.03 12.18
CA ALA A 318 9.62 21.91 10.99
C ALA A 318 10.42 21.18 9.90
S DMS B . -5.95 -2.76 7.73
O DMS B . -7.34 -2.59 8.28
C1 DMS B . -5.25 -4.14 8.58
C2 DMS B . -6.14 -3.52 6.14
O 8MJ C . 7.19 -20.16 4.34
C1 8MJ C . 6.86 -18.04 3.31
C2 8MJ C . 5.74 -17.29 3.72
C5 8MJ C . 7.12 -13.89 3.02
C8 8MJ C . 9.23 -15.54 2.26
C3 8MJ C . 5.79 -15.93 3.62
C4 8MJ C . 6.96 -15.29 3.14
C6 8MJ C . 8.29 -13.36 2.56
C7 8MJ C . 9.34 -14.18 2.18
C9 8MJ C . 8.03 -16.13 2.75
N 8MJ C . 7.97 -17.50 2.83
C 8MJ C . 6.86 -19.52 3.37
O1 8MJ C . 10.25 -16.34 1.84
CL CL D . -10.71 7.76 18.10
CL CL E . -0.96 -11.56 -0.99
CL CL F . -6.91 -12.77 -2.91
#